data_2MVL
#
_entry.id   2MVL
#
_entity_poly.entity_id   1
_entity_poly.type   'polypeptide(L)'
_entity_poly.pdbx_seq_one_letter_code
;TNRRKSGKYKKVEIKELGELRKEPSL
;
_entity_poly.pdbx_strand_id   A
#
# COMPACT_ATOMS: atom_id res chain seq x y z
N THR A 1 3.66 -15.61 -10.31
CA THR A 1 3.34 -14.24 -9.88
C THR A 1 2.90 -14.24 -8.44
N ASN A 2 2.73 -13.06 -7.82
CA ASN A 2 2.34 -12.97 -6.42
C ASN A 2 0.97 -12.28 -6.28
N ARG A 3 -0.04 -13.00 -5.81
CA ARG A 3 -1.34 -12.52 -5.61
C ARG A 3 -1.45 -11.60 -4.40
N ARG A 4 -1.37 -10.31 -4.65
CA ARG A 4 -1.45 -9.27 -3.61
C ARG A 4 -2.82 -9.24 -2.93
N LYS A 5 -3.78 -9.99 -3.46
CA LYS A 5 -5.12 -10.07 -2.89
C LYS A 5 -5.18 -10.87 -1.60
N SER A 6 -4.02 -11.13 -0.99
CA SER A 6 -3.93 -11.87 0.28
C SER A 6 -4.73 -11.18 1.38
N GLY A 7 -4.80 -9.86 1.30
CA GLY A 7 -5.72 -9.09 2.14
C GLY A 7 -5.25 -8.06 3.13
N LYS A 8 -4.03 -8.12 3.63
CA LYS A 8 -3.54 -7.07 4.54
C LYS A 8 -3.38 -5.76 3.75
N TYR A 9 -3.25 -5.96 2.46
CA TYR A 9 -2.90 -4.98 1.46
C TYR A 9 -3.80 -3.77 1.37
N LYS A 10 -5.09 -3.90 1.73
CA LYS A 10 -5.95 -2.74 1.77
C LYS A 10 -5.35 -1.64 2.62
N LYS A 11 -4.80 -2.01 3.77
CA LYS A 11 -4.05 -1.05 4.58
C LYS A 11 -2.61 -0.97 4.10
N VAL A 12 -1.92 -2.11 4.12
CA VAL A 12 -0.47 -2.15 3.88
C VAL A 12 0.00 -1.55 2.54
N GLU A 13 -0.49 -2.09 1.43
CA GLU A 13 0.02 -1.69 0.13
C GLU A 13 -0.33 -0.26 -0.20
N ILE A 14 -1.56 0.13 0.11
CA ILE A 14 -2.01 1.50 -0.17
C ILE A 14 -1.20 2.47 0.67
N LYS A 15 -0.88 2.07 1.89
CA LYS A 15 -0.12 2.96 2.77
C LYS A 15 1.28 3.16 2.27
N GLU A 16 2.01 2.10 1.97
CA GLU A 16 3.40 2.31 1.59
C GLU A 16 3.58 2.85 0.18
N LEU A 17 2.67 2.51 -0.73
CA LEU A 17 2.77 2.98 -2.10
C LEU A 17 2.53 4.49 -2.14
N GLY A 18 1.70 4.99 -1.23
CA GLY A 18 1.34 6.39 -1.25
C GLY A 18 1.68 7.26 -0.04
N GLU A 19 1.54 6.78 1.18
CA GLU A 19 1.61 7.69 2.35
C GLU A 19 3.02 8.19 2.61
N LEU A 20 4.01 7.46 2.11
CA LEU A 20 5.38 7.89 2.26
C LEU A 20 5.62 9.18 1.47
N ARG A 21 4.81 9.42 0.44
CA ARG A 21 4.92 10.64 -0.38
C ARG A 21 3.79 11.67 -0.31
N LYS A 22 2.54 11.22 -0.22
CA LYS A 22 1.38 12.12 -0.15
C LYS A 22 0.57 11.84 1.09
N GLU A 23 -0.44 12.66 1.33
CA GLU A 23 -1.35 12.44 2.46
C GLU A 23 -2.06 11.10 2.36
N PRO A 24 -2.22 10.39 3.49
CA PRO A 24 -3.06 9.19 3.44
C PRO A 24 -4.54 9.58 3.46
N SER A 25 -4.80 10.88 3.38
CA SER A 25 -6.14 11.39 3.39
C SER A 25 -6.75 11.14 2.04
N LEU A 26 -8.06 11.06 2.13
CA LEU A 26 -8.95 10.91 1.00
C LEU A 26 -9.38 12.33 0.65
N THR A 1 4.88 -5.56 -10.63
CA THR A 1 3.56 -5.42 -9.96
C THR A 1 3.46 -6.41 -8.81
N ASN A 2 2.92 -6.02 -7.67
CA ASN A 2 2.84 -6.90 -6.50
C ASN A 2 1.56 -6.58 -5.74
N ARG A 3 0.46 -6.40 -6.47
CA ARG A 3 -0.83 -6.10 -5.83
C ARG A 3 -1.42 -7.42 -5.35
N ARG A 4 -1.07 -7.78 -4.13
CA ARG A 4 -1.41 -9.11 -3.60
C ARG A 4 -2.83 -9.28 -3.05
N LYS A 5 -3.48 -10.33 -3.52
CA LYS A 5 -4.83 -10.71 -3.06
C LYS A 5 -4.83 -11.24 -1.62
N SER A 6 -3.65 -11.35 -1.03
CA SER A 6 -3.47 -11.85 0.33
C SER A 6 -4.27 -11.06 1.38
N GLY A 7 -4.55 -9.80 1.07
CA GLY A 7 -5.56 -9.05 1.81
C GLY A 7 -5.24 -8.05 2.92
N LYS A 8 -4.11 -8.16 3.61
CA LYS A 8 -3.74 -7.13 4.61
C LYS A 8 -3.52 -5.82 3.87
N TYR A 9 -3.21 -6.02 2.62
CA TYR A 9 -2.84 -5.02 1.63
C TYR A 9 -3.86 -3.92 1.42
N LYS A 10 -5.13 -4.17 1.77
CA LYS A 10 -6.11 -3.10 1.73
C LYS A 10 -5.61 -1.91 2.54
N LYS A 11 -5.11 -2.18 3.74
CA LYS A 11 -4.43 -1.17 4.54
C LYS A 11 -2.96 -1.00 4.17
N VAL A 12 -2.23 -2.11 4.17
CA VAL A 12 -0.76 -2.09 4.04
C VAL A 12 -0.23 -1.51 2.73
N GLU A 13 -0.66 -2.07 1.61
CA GLU A 13 -0.12 -1.68 0.31
C GLU A 13 -0.42 -0.24 -0.02
N ILE A 14 -1.66 0.16 0.26
CA ILE A 14 -2.10 1.51 -0.05
C ILE A 14 -1.29 2.52 0.76
N LYS A 15 -0.92 2.15 1.98
CA LYS A 15 -0.15 3.06 2.82
C LYS A 15 1.24 3.23 2.25
N GLU A 16 1.93 2.14 1.94
CA GLU A 16 3.30 2.25 1.44
C GLU A 16 3.37 2.92 0.07
N LEU A 17 2.41 2.59 -0.79
CA LEU A 17 2.37 3.09 -2.16
C LEU A 17 2.15 4.60 -2.22
N GLY A 18 1.53 5.16 -1.19
CA GLY A 18 1.25 6.59 -1.17
C GLY A 18 2.00 7.44 -0.17
N GLU A 19 2.23 6.94 1.04
CA GLU A 19 2.81 7.78 2.09
C GLU A 19 4.27 8.14 1.85
N LEU A 20 4.99 7.36 1.03
CA LEU A 20 6.37 7.71 0.69
C LEU A 20 6.49 9.08 0.00
N ARG A 21 5.36 9.65 -0.44
CA ARG A 21 5.34 10.98 -1.06
C ARG A 21 4.63 12.06 -0.24
N LYS A 22 4.27 11.76 0.99
CA LYS A 22 3.51 12.71 1.82
C LYS A 22 4.23 14.03 2.06
N GLU A 23 3.43 15.10 2.04
CA GLU A 23 3.90 16.45 2.32
C GLU A 23 4.05 16.68 3.81
N PRO A 24 5.07 17.46 4.22
CA PRO A 24 5.15 17.87 5.62
C PRO A 24 4.24 19.07 5.87
N SER A 25 3.47 19.42 4.85
CA SER A 25 2.58 20.59 4.91
C SER A 25 1.37 20.29 5.78
N LEU A 26 1.34 20.97 6.91
CA LEU A 26 0.25 20.89 7.88
C LEU A 26 0.27 22.20 8.67
N THR A 1 2.59 -18.13 -7.90
CA THR A 1 1.31 -17.38 -7.70
C THR A 1 1.57 -16.10 -6.93
N ASN A 2 0.63 -15.16 -6.97
CA ASN A 2 0.81 -13.87 -6.32
C ASN A 2 0.38 -13.94 -4.86
N ARG A 3 1.35 -14.02 -3.97
CA ARG A 3 1.17 -14.11 -2.58
C ARG A 3 0.45 -12.92 -1.96
N ARG A 4 0.46 -11.80 -2.68
CA ARG A 4 -0.19 -10.58 -2.26
C ARG A 4 -1.71 -10.69 -2.07
N LYS A 5 -2.30 -11.81 -2.49
CA LYS A 5 -3.74 -12.04 -2.30
C LYS A 5 -4.13 -12.22 -0.83
N SER A 6 -3.16 -12.14 0.09
CA SER A 6 -3.42 -12.23 1.54
C SER A 6 -4.43 -11.17 1.96
N GLY A 7 -4.44 -10.04 1.27
CA GLY A 7 -5.52 -9.08 1.45
C GLY A 7 -5.39 -7.96 2.46
N LYS A 8 -4.43 -8.04 3.37
CA LYS A 8 -4.17 -6.95 4.33
C LYS A 8 -3.76 -5.68 3.60
N TYR A 9 -3.45 -5.87 2.33
CA TYR A 9 -2.98 -4.88 1.39
C TYR A 9 -3.87 -3.66 1.24
N LYS A 10 -5.18 -3.78 1.52
CA LYS A 10 -6.04 -2.63 1.55
C LYS A 10 -5.42 -1.47 2.32
N LYS A 11 -4.95 -1.73 3.53
CA LYS A 11 -4.15 -0.74 4.26
C LYS A 11 -2.66 -0.77 3.93
N VAL A 12 -2.08 -1.96 3.90
CA VAL A 12 -0.61 -2.09 3.77
C VAL A 12 -0.01 -1.58 2.46
N GLU A 13 -0.51 -2.06 1.33
CA GLU A 13 0.05 -1.67 0.05
C GLU A 13 -0.27 -0.23 -0.24
N ILE A 14 -1.42 0.20 0.24
CA ILE A 14 -1.86 1.59 0.09
C ILE A 14 -0.94 2.48 0.90
N LYS A 15 -0.39 1.94 1.98
CA LYS A 15 0.55 2.70 2.81
C LYS A 15 1.86 2.86 2.07
N GLU A 16 2.37 1.79 1.49
CA GLU A 16 3.64 1.84 0.76
C GLU A 16 3.50 2.72 -0.49
N LEU A 17 2.39 2.57 -1.18
CA LEU A 17 2.08 3.39 -2.34
C LEU A 17 1.83 4.82 -1.87
N GLY A 18 1.47 4.97 -0.61
CA GLY A 18 1.27 6.27 -0.01
C GLY A 18 2.57 7.01 0.24
N GLU A 19 3.56 6.32 0.80
CA GLU A 19 4.87 6.95 1.06
C GLU A 19 5.44 7.48 -0.25
N LEU A 20 5.15 6.77 -1.33
CA LEU A 20 5.61 7.18 -2.66
C LEU A 20 4.72 8.19 -3.40
N ARG A 21 3.44 7.87 -3.58
CA ARG A 21 2.53 8.69 -4.42
C ARG A 21 1.37 9.46 -3.78
N LYS A 22 0.64 8.85 -2.86
CA LYS A 22 -0.68 9.37 -2.42
C LYS A 22 -0.87 9.43 -0.89
N GLU A 23 -2.08 9.79 -0.46
CA GLU A 23 -2.42 9.80 0.96
C GLU A 23 -2.28 8.40 1.54
N PRO A 24 -1.47 8.24 2.60
CA PRO A 24 -1.35 6.92 3.22
C PRO A 24 -2.61 6.52 3.99
N SER A 25 -3.66 7.31 3.81
CA SER A 25 -4.94 7.06 4.39
C SER A 25 -5.51 5.76 3.88
N LEU A 26 -6.27 5.19 4.78
CA LEU A 26 -6.99 3.92 4.63
C LEU A 26 -7.92 3.91 3.41
N THR A 1 5.79 -17.39 -4.85
CA THR A 1 5.21 -16.28 -5.64
C THR A 1 4.76 -15.15 -4.71
N ASN A 2 4.89 -13.90 -5.14
CA ASN A 2 4.56 -12.76 -4.28
C ASN A 2 3.09 -12.37 -4.47
N ARG A 3 2.21 -13.16 -3.87
CA ARG A 3 0.83 -13.01 -3.91
C ARG A 3 0.33 -11.87 -3.01
N ARG A 4 0.69 -10.63 -3.32
CA ARG A 4 0.25 -9.47 -2.51
C ARG A 4 -1.28 -9.34 -2.41
N LYS A 5 -2.03 -10.02 -3.27
CA LYS A 5 -3.49 -10.01 -3.17
C LYS A 5 -4.03 -10.78 -1.94
N SER A 6 -3.13 -11.14 -1.02
CA SER A 6 -3.47 -11.81 0.24
C SER A 6 -4.53 -11.05 1.03
N GLY A 7 -4.50 -9.72 0.95
CA GLY A 7 -5.59 -8.91 1.50
C GLY A 7 -5.40 -7.90 2.62
N LYS A 8 -4.39 -8.04 3.48
CA LYS A 8 -4.14 -7.01 4.51
C LYS A 8 -3.67 -5.72 3.84
N TYR A 9 -3.34 -5.89 2.58
CA TYR A 9 -2.76 -4.90 1.69
C TYR A 9 -3.63 -3.67 1.48
N LYS A 10 -4.93 -3.80 1.71
CA LYS A 10 -5.81 -2.62 1.67
C LYS A 10 -5.33 -1.60 2.71
N LYS A 11 -4.92 -2.07 3.88
CA LYS A 11 -4.30 -1.19 4.87
C LYS A 11 -2.79 -1.00 4.67
N VAL A 12 -2.10 -2.06 4.27
CA VAL A 12 -0.63 -2.05 4.18
C VAL A 12 -0.04 -1.49 2.87
N GLU A 13 -0.35 -2.10 1.73
CA GLU A 13 0.26 -1.72 0.46
C GLU A 13 -0.17 -0.34 0.04
N ILE A 14 -1.43 -0.04 0.31
CA ILE A 14 -1.99 1.27 -0.03
C ILE A 14 -1.28 2.32 0.81
N LYS A 15 -0.85 1.96 2.02
CA LYS A 15 -0.12 2.90 2.86
C LYS A 15 1.24 3.15 2.25
N GLU A 16 1.98 2.09 1.97
CA GLU A 16 3.34 2.23 1.44
C GLU A 16 3.38 2.97 0.10
N LEU A 17 2.52 2.56 -0.83
CA LEU A 17 2.48 3.15 -2.15
C LEU A 17 1.88 4.56 -2.08
N GLY A 18 1.08 4.81 -1.06
CA GLY A 18 0.43 6.09 -0.91
C GLY A 18 1.28 7.13 -0.21
N GLU A 19 1.94 6.77 0.87
CA GLU A 19 2.72 7.75 1.64
C GLU A 19 3.99 8.15 0.90
N LEU A 20 4.50 7.28 0.05
CA LEU A 20 5.64 7.61 -0.81
C LEU A 20 5.29 8.80 -1.72
N ARG A 21 4.00 8.93 -2.03
CA ARG A 21 3.48 9.96 -2.92
C ARG A 21 2.60 10.97 -2.19
N LYS A 22 2.57 10.90 -0.86
CA LYS A 22 1.56 11.57 -0.03
C LYS A 22 0.94 12.87 -0.55
N GLU A 23 -0.34 12.78 -0.86
CA GLU A 23 -1.12 13.91 -1.34
C GLU A 23 -1.22 14.99 -0.28
N PRO A 24 -1.45 16.25 -0.71
CA PRO A 24 -1.75 17.28 0.29
C PRO A 24 -3.20 17.12 0.75
N SER A 25 -3.85 16.08 0.24
CA SER A 25 -5.24 15.75 0.56
C SER A 25 -5.39 15.14 1.97
N LEU A 26 -5.21 15.95 2.99
CA LEU A 26 -5.32 15.53 4.38
C LEU A 26 -6.60 16.11 4.98
N THR A 1 2.31 -11.17 -11.90
CA THR A 1 1.35 -11.36 -10.77
C THR A 1 1.83 -10.59 -9.55
N ASN A 2 1.00 -10.49 -8.51
CA ASN A 2 1.37 -9.74 -7.31
C ASN A 2 0.78 -10.46 -6.08
N ARG A 3 1.56 -10.52 -5.00
CA ARG A 3 1.27 -11.18 -3.78
C ARG A 3 0.12 -10.63 -2.99
N ARG A 4 -0.23 -9.38 -3.36
CA ARG A 4 -1.33 -8.62 -2.67
C ARG A 4 -2.74 -9.25 -2.62
N LYS A 5 -2.92 -10.40 -3.28
CA LYS A 5 -4.18 -11.17 -3.17
C LYS A 5 -4.40 -11.63 -1.72
N SER A 6 -3.31 -11.65 -0.95
CA SER A 6 -3.35 -11.99 0.49
C SER A 6 -4.28 -11.05 1.26
N GLY A 7 -4.46 -9.84 0.77
CA GLY A 7 -5.53 -9.00 1.25
C GLY A 7 -5.36 -7.98 2.36
N LYS A 8 -4.37 -8.16 3.23
CA LYS A 8 -4.10 -7.20 4.33
C LYS A 8 -3.70 -5.84 3.75
N TYR A 9 -3.40 -5.89 2.47
CA TYR A 9 -2.89 -4.81 1.64
C TYR A 9 -3.78 -3.57 1.58
N LYS A 10 -5.07 -3.70 1.83
CA LYS A 10 -5.92 -2.52 1.90
C LYS A 10 -5.42 -1.54 2.96
N LYS A 11 -4.96 -2.07 4.10
CA LYS A 11 -4.34 -1.22 5.12
C LYS A 11 -2.85 -0.97 4.87
N VAL A 12 -2.17 -1.98 4.36
CA VAL A 12 -0.71 -1.94 4.20
C VAL A 12 -0.21 -1.28 2.90
N GLU A 13 -0.56 -1.83 1.76
CA GLU A 13 0.02 -1.39 0.49
C GLU A 13 -0.39 0.00 0.09
N ILE A 14 -1.59 0.38 0.49
CA ILE A 14 -2.11 1.71 0.17
C ILE A 14 -1.21 2.76 0.82
N LYS A 15 -0.53 2.40 1.90
CA LYS A 15 0.40 3.34 2.55
C LYS A 15 1.77 3.28 1.91
N GLU A 16 2.29 2.07 1.71
CA GLU A 16 3.64 1.92 1.15
C GLU A 16 3.72 2.52 -0.25
N LEU A 17 2.75 2.20 -1.09
CA LEU A 17 2.70 2.71 -2.45
C LEU A 17 2.23 4.16 -2.42
N GLY A 18 1.50 4.52 -1.37
CA GLY A 18 1.03 5.88 -1.21
C GLY A 18 2.20 6.83 -1.15
N GLU A 19 3.26 6.43 -0.45
CA GLU A 19 4.48 7.22 -0.46
C GLU A 19 5.36 6.96 -1.69
N LEU A 20 5.55 5.70 -2.05
CA LEU A 20 6.44 5.34 -3.16
C LEU A 20 6.10 6.02 -4.49
N ARG A 21 4.82 6.24 -4.75
CA ARG A 21 4.37 6.85 -6.01
C ARG A 21 4.91 8.25 -6.35
N LYS A 22 5.66 8.90 -5.47
CA LYS A 22 6.36 10.12 -5.84
C LYS A 22 7.56 9.82 -6.74
N GLU A 23 7.74 8.54 -7.07
CA GLU A 23 8.80 8.12 -7.97
C GLU A 23 8.67 8.74 -9.34
N PRO A 24 9.80 9.18 -9.94
CA PRO A 24 9.71 9.64 -11.32
C PRO A 24 9.67 8.46 -12.29
N SER A 25 9.68 7.24 -11.74
CA SER A 25 9.71 6.00 -12.53
C SER A 25 10.91 6.00 -13.49
N LEU A 26 12.06 6.38 -12.96
CA LEU A 26 13.31 6.44 -13.73
C LEU A 26 14.02 5.09 -13.64
N THR A 1 5.54 -16.53 -3.02
CA THR A 1 4.97 -15.76 -4.18
C THR A 1 3.64 -15.15 -3.78
N ASN A 2 3.00 -14.38 -4.68
CA ASN A 2 1.62 -13.87 -4.46
C ASN A 2 1.47 -13.03 -3.20
N ARG A 3 2.47 -12.16 -2.91
CA ARG A 3 2.47 -11.38 -1.77
C ARG A 3 1.18 -10.54 -1.61
N ARG A 4 0.80 -9.77 -2.61
CA ARG A 4 -0.35 -8.95 -2.58
C ARG A 4 -1.70 -9.63 -2.60
N LYS A 5 -1.71 -10.94 -2.77
CA LYS A 5 -2.94 -11.71 -2.73
C LYS A 5 -3.28 -12.06 -1.29
N SER A 6 -2.36 -11.79 -0.36
CA SER A 6 -2.58 -12.05 1.07
C SER A 6 -3.76 -11.23 1.60
N GLY A 7 -3.98 -10.07 1.02
CA GLY A 7 -5.19 -9.32 1.33
C GLY A 7 -5.18 -8.29 2.45
N LYS A 8 -4.15 -8.34 3.29
CA LYS A 8 -3.92 -7.33 4.35
C LYS A 8 -3.78 -5.92 3.71
N TYR A 9 -3.60 -5.95 2.41
CA TYR A 9 -3.37 -4.83 1.51
C TYR A 9 -4.41 -3.74 1.55
N LYS A 10 -5.65 -4.02 1.91
CA LYS A 10 -6.62 -2.94 2.04
C LYS A 10 -6.10 -1.87 3.01
N LYS A 11 -5.50 -2.30 4.11
CA LYS A 11 -4.85 -1.39 5.06
C LYS A 11 -3.40 -1.03 4.68
N VAL A 12 -2.69 -2.00 4.12
CA VAL A 12 -1.24 -1.89 3.85
C VAL A 12 -0.83 -1.22 2.52
N GLU A 13 -1.45 -1.59 1.43
CA GLU A 13 -1.01 -1.19 0.08
C GLU A 13 -1.08 0.30 -0.18
N ILE A 14 -1.90 1.00 0.57
CA ILE A 14 -2.00 2.45 0.46
C ILE A 14 -0.62 3.01 0.85
N LYS A 15 0.11 2.27 1.67
CA LYS A 15 1.43 2.69 2.12
C LYS A 15 2.48 2.22 1.13
N GLU A 16 2.27 1.06 0.51
CA GLU A 16 3.21 0.56 -0.51
C GLU A 16 3.20 1.55 -1.69
N LEU A 17 2.02 2.07 -2.00
CA LEU A 17 1.85 3.06 -3.05
C LEU A 17 2.39 4.43 -2.60
N GLY A 18 2.43 4.66 -1.30
CA GLY A 18 2.96 5.92 -0.77
C GLY A 18 4.47 5.95 -0.69
N GLU A 19 5.08 4.86 -0.23
CA GLU A 19 6.54 4.76 -0.13
C GLU A 19 7.16 4.70 -1.53
N LEU A 20 6.37 4.31 -2.51
CA LEU A 20 6.77 4.32 -3.93
C LEU A 20 7.28 5.71 -4.38
N ARG A 21 6.94 6.76 -3.65
CA ARG A 21 7.44 8.11 -3.99
C ARG A 21 8.94 8.26 -3.75
N LYS A 22 9.52 7.36 -2.98
CA LYS A 22 10.95 7.32 -2.71
C LYS A 22 11.35 5.89 -3.07
N GLU A 23 12.47 5.41 -2.58
CA GLU A 23 12.89 4.02 -2.81
C GLU A 23 11.90 3.09 -2.09
N PRO A 24 11.13 2.26 -2.83
CA PRO A 24 10.20 1.37 -2.14
C PRO A 24 10.88 0.06 -1.72
N SER A 25 12.18 -0.01 -1.91
CA SER A 25 12.95 -1.20 -1.62
C SER A 25 14.37 -0.83 -1.30
N LEU A 26 15.17 -1.84 -0.98
CA LEU A 26 16.60 -1.69 -0.75
C LEU A 26 17.24 -1.76 -2.13
N THR A 1 -2.08 -19.06 -7.96
CA THR A 1 -2.54 -17.75 -7.36
C THR A 1 -1.34 -16.77 -7.22
N ASN A 2 -1.51 -15.52 -6.75
CA ASN A 2 -0.49 -14.51 -6.67
C ASN A 2 -0.54 -14.21 -5.25
N ARG A 3 0.61 -14.20 -4.70
CA ARG A 3 0.91 -14.02 -3.32
C ARG A 3 0.41 -12.71 -2.70
N ARG A 4 0.39 -11.63 -3.46
CA ARG A 4 -0.06 -10.35 -2.98
C ARG A 4 -1.56 -10.30 -2.67
N LYS A 5 -2.30 -11.34 -3.03
CA LYS A 5 -3.74 -11.39 -2.74
C LYS A 5 -4.05 -11.81 -1.30
N SER A 6 -3.07 -11.77 -0.40
CA SER A 6 -3.27 -12.16 0.99
C SER A 6 -4.37 -11.34 1.69
N GLY A 7 -4.50 -10.09 1.27
CA GLY A 7 -5.64 -9.27 1.72
C GLY A 7 -5.41 -8.12 2.70
N LYS A 8 -4.35 -8.17 3.49
CA LYS A 8 -4.04 -7.07 4.44
C LYS A 8 -3.71 -5.78 3.67
N TYR A 9 -3.49 -5.96 2.39
CA TYR A 9 -3.05 -4.94 1.45
C TYR A 9 -3.95 -3.73 1.34
N LYS A 10 -5.21 -3.85 1.74
CA LYS A 10 -6.09 -2.69 1.74
C LYS A 10 -5.46 -1.55 2.54
N LYS A 11 -5.03 -1.82 3.77
CA LYS A 11 -4.28 -0.82 4.54
C LYS A 11 -2.77 -0.80 4.26
N VAL A 12 -2.18 -1.96 4.02
CA VAL A 12 -0.72 -2.05 3.86
C VAL A 12 -0.19 -1.50 2.54
N GLU A 13 -0.70 -1.98 1.43
CA GLU A 13 -0.16 -1.61 0.12
C GLU A 13 -0.40 -0.15 -0.21
N ILE A 14 -1.55 0.37 0.20
CA ILE A 14 -1.87 1.76 -0.06
C ILE A 14 -0.92 2.64 0.77
N LYS A 15 -0.45 2.12 1.90
CA LYS A 15 0.50 2.85 2.71
C LYS A 15 1.83 2.91 2.02
N GLU A 16 2.30 1.77 1.55
CA GLU A 16 3.62 1.67 0.91
C GLU A 16 3.65 2.56 -0.32
N LEU A 17 2.57 2.51 -1.10
CA LEU A 17 2.46 3.32 -2.31
C LEU A 17 2.31 4.81 -1.96
N GLY A 18 1.60 5.11 -0.88
CA GLY A 18 1.38 6.49 -0.49
C GLY A 18 2.58 7.16 0.16
N GLU A 19 3.28 6.45 1.03
CA GLU A 19 4.44 7.03 1.71
C GLU A 19 5.63 7.16 0.76
N LEU A 20 5.62 6.38 -0.32
CA LEU A 20 6.62 6.55 -1.38
C LEU A 20 6.48 7.96 -1.99
N ARG A 21 5.30 8.55 -1.86
CA ARG A 21 4.98 9.88 -2.38
C ARG A 21 4.82 10.92 -1.24
N LYS A 22 5.15 10.52 -0.01
CA LYS A 22 4.98 11.34 1.19
C LYS A 22 5.07 12.86 1.05
N GLU A 23 3.91 13.48 1.17
CA GLU A 23 3.79 14.92 1.26
C GLU A 23 4.01 15.26 2.72
N PRO A 24 4.37 16.52 3.01
CA PRO A 24 4.39 16.88 4.43
C PRO A 24 2.96 16.99 4.96
N SER A 25 2.01 16.61 4.11
CA SER A 25 0.60 16.61 4.44
C SER A 25 -0.03 15.23 4.22
N LEU A 26 0.77 14.18 4.33
CA LEU A 26 0.32 12.80 4.08
C LEU A 26 0.94 11.85 5.11
N THR A 1 8.66 -14.54 -4.17
CA THR A 1 7.55 -13.65 -4.61
C THR A 1 6.28 -14.01 -3.87
N ASN A 2 5.27 -13.15 -3.90
CA ASN A 2 4.01 -13.43 -3.18
C ASN A 2 2.81 -12.79 -3.87
N ARG A 3 1.64 -13.37 -3.65
CA ARG A 3 0.42 -12.93 -4.10
C ARG A 3 -0.08 -11.85 -3.15
N ARG A 4 0.08 -10.58 -3.51
CA ARG A 4 -0.31 -9.49 -2.62
C ARG A 4 -1.81 -9.39 -2.39
N LYS A 5 -2.61 -10.13 -3.16
CA LYS A 5 -4.06 -10.17 -2.94
C LYS A 5 -4.43 -10.94 -1.66
N SER A 6 -3.43 -11.26 -0.85
CA SER A 6 -3.60 -11.91 0.46
C SER A 6 -4.58 -11.15 1.35
N GLY A 7 -4.60 -9.83 1.21
CA GLY A 7 -5.64 -9.02 1.86
C GLY A 7 -5.34 -7.96 2.90
N LYS A 8 -4.21 -8.06 3.61
CA LYS A 8 -3.85 -7.00 4.58
C LYS A 8 -3.57 -5.72 3.82
N TYR A 9 -3.25 -5.94 2.57
CA TYR A 9 -2.78 -4.97 1.59
C TYR A 9 -3.71 -3.81 1.33
N LYS A 10 -5.01 -3.95 1.61
CA LYS A 10 -5.92 -2.82 1.50
C LYS A 10 -5.40 -1.70 2.38
N LYS A 11 -5.02 -2.02 3.61
CA LYS A 11 -4.37 -1.01 4.46
C LYS A 11 -2.87 -0.90 4.23
N VAL A 12 -2.18 -2.03 4.13
CA VAL A 12 -0.70 -2.06 4.07
C VAL A 12 -0.08 -1.55 2.77
N GLU A 13 -0.47 -2.08 1.63
CA GLU A 13 0.18 -1.73 0.37
C GLU A 13 -0.19 -0.32 -0.05
N ILE A 14 -1.44 0.03 0.20
CA ILE A 14 -1.91 1.38 -0.13
C ILE A 14 -1.18 2.36 0.76
N LYS A 15 -0.83 1.94 1.98
CA LYS A 15 -0.05 2.80 2.85
C LYS A 15 1.28 3.09 2.23
N GLU A 16 2.03 2.04 1.88
CA GLU A 16 3.37 2.22 1.34
C GLU A 16 3.37 3.05 0.06
N LEU A 17 2.50 2.69 -0.86
CA LEU A 17 2.42 3.36 -2.15
C LEU A 17 1.96 4.82 -1.99
N GLY A 18 1.05 5.06 -1.05
CA GLY A 18 0.54 6.41 -0.85
C GLY A 18 1.39 7.29 0.04
N GLU A 19 1.99 6.74 1.09
CA GLU A 19 2.78 7.57 2.02
C GLU A 19 4.07 8.02 1.37
N LEU A 20 4.49 7.31 0.33
CA LEU A 20 5.63 7.76 -0.47
C LEU A 20 5.35 9.13 -1.13
N ARG A 21 4.10 9.40 -1.50
CA ARG A 21 3.75 10.63 -2.24
C ARG A 21 2.89 11.69 -1.52
N LYS A 22 1.94 11.25 -0.69
CA LYS A 22 0.99 12.13 0.03
C LYS A 22 0.53 13.45 -0.60
N GLU A 23 0.05 13.41 -1.82
CA GLU A 23 -0.52 14.62 -2.45
C GLU A 23 -1.94 14.83 -1.94
N PRO A 24 -2.32 16.11 -1.71
CA PRO A 24 -3.73 16.35 -1.37
C PRO A 24 -4.59 16.31 -2.63
N SER A 25 -3.94 16.01 -3.76
CA SER A 25 -4.62 15.89 -5.04
C SER A 25 -5.25 14.52 -5.09
N LEU A 26 -6.57 14.49 -5.08
CA LEU A 26 -7.35 13.26 -5.10
C LEU A 26 -8.37 13.36 -6.24
N THR A 1 6.15 -13.82 -9.18
CA THR A 1 4.98 -12.90 -9.11
C THR A 1 4.50 -12.77 -7.67
N ASN A 2 3.60 -11.83 -7.38
CA ASN A 2 3.10 -11.62 -6.02
C ASN A 2 1.57 -11.56 -6.02
N ARG A 3 0.95 -12.46 -5.26
CA ARG A 3 -0.42 -12.55 -5.04
C ARG A 3 -0.89 -11.46 -4.06
N ARG A 4 -0.80 -10.21 -4.47
CA ARG A 4 -1.15 -9.06 -3.60
C ARG A 4 -2.61 -9.06 -3.12
N LYS A 5 -3.44 -9.90 -3.72
CA LYS A 5 -4.83 -10.06 -3.28
C LYS A 5 -4.93 -10.81 -1.94
N SER A 6 -3.78 -11.16 -1.36
CA SER A 6 -3.68 -11.83 -0.06
C SER A 6 -4.51 -11.16 1.04
N GLY A 7 -4.59 -9.83 1.02
CA GLY A 7 -5.52 -9.12 1.89
C GLY A 7 -5.05 -8.14 2.95
N LYS A 8 -3.82 -8.24 3.43
CA LYS A 8 -3.31 -7.24 4.41
C LYS A 8 -3.26 -5.87 3.72
N TYR A 9 -3.14 -5.98 2.42
CA TYR A 9 -2.88 -4.92 1.47
C TYR A 9 -3.85 -3.75 1.55
N LYS A 10 -5.08 -3.95 2.02
CA LYS A 10 -5.97 -2.82 2.24
C LYS A 10 -5.35 -1.77 3.16
N LYS A 11 -4.82 -2.19 4.29
CA LYS A 11 -4.12 -1.26 5.20
C LYS A 11 -2.64 -1.06 4.82
N VAL A 12 -2.04 -2.08 4.21
CA VAL A 12 -0.60 -2.04 3.91
C VAL A 12 -0.25 -1.34 2.60
N GLU A 13 -0.73 -1.84 1.47
CA GLU A 13 -0.28 -1.37 0.17
C GLU A 13 -0.97 -0.11 -0.31
N ILE A 14 -2.17 0.15 0.20
CA ILE A 14 -2.89 1.38 -0.16
C ILE A 14 -2.19 2.55 0.54
N LYS A 15 -1.38 2.23 1.55
CA LYS A 15 -0.65 3.26 2.28
C LYS A 15 0.82 3.33 1.95
N GLU A 16 1.56 2.25 2.19
CA GLU A 16 3.02 2.27 2.07
C GLU A 16 3.51 2.58 0.66
N LEU A 17 2.66 2.45 -0.32
CA LEU A 17 2.93 2.85 -1.60
C LEU A 17 1.95 3.98 -1.61
N GLY A 18 2.60 5.06 -1.74
CA GLY A 18 2.00 6.39 -1.74
C GLY A 18 2.36 7.27 -0.55
N GLU A 19 2.16 6.80 0.68
CA GLU A 19 2.39 7.62 1.89
C GLU A 19 3.84 8.04 2.05
N LEU A 20 4.77 7.27 1.49
CA LEU A 20 6.17 7.65 1.49
C LEU A 20 6.38 9.06 0.88
N ARG A 21 5.51 9.46 -0.04
CA ARG A 21 5.57 10.79 -0.66
C ARG A 21 4.38 11.71 -0.29
N LYS A 22 3.17 11.15 -0.27
CA LYS A 22 1.94 11.88 -0.05
C LYS A 22 1.96 13.01 0.98
N GLU A 23 1.73 14.20 0.45
CA GLU A 23 1.46 15.38 1.24
C GLU A 23 0.14 15.06 1.94
N PRO A 24 0.07 15.20 3.28
CA PRO A 24 -1.21 14.90 3.93
C PRO A 24 -2.27 15.97 3.61
N SER A 25 -1.90 16.87 2.71
CA SER A 25 -2.81 17.91 2.23
C SER A 25 -3.47 17.48 0.91
N LEU A 26 -3.12 16.28 0.43
CA LEU A 26 -3.61 15.76 -0.86
C LEU A 26 -4.01 14.30 -0.71
N THR A 1 -8.00 -14.40 -11.32
CA THR A 1 -7.94 -12.91 -11.40
C THR A 1 -7.25 -12.31 -10.13
N ASN A 2 -7.95 -11.75 -9.16
CA ASN A 2 -7.32 -11.12 -8.00
C ASN A 2 -6.75 -12.14 -7.03
N ARG A 3 -5.49 -12.49 -7.25
CA ARG A 3 -4.78 -13.38 -6.46
C ARG A 3 -4.45 -12.78 -5.07
N ARG A 4 -4.64 -11.48 -4.91
CA ARG A 4 -4.37 -10.78 -3.70
C ARG A 4 -5.43 -10.99 -2.60
N LYS A 5 -5.82 -12.23 -2.36
CA LYS A 5 -6.81 -12.54 -1.32
C LYS A 5 -6.18 -12.44 0.09
N SER A 6 -4.91 -12.08 0.11
CA SER A 6 -4.12 -11.88 1.34
C SER A 6 -4.73 -10.95 2.38
N GLY A 7 -5.55 -10.04 1.89
CA GLY A 7 -6.25 -9.06 2.71
C GLY A 7 -5.44 -7.95 3.38
N LYS A 8 -4.16 -8.15 3.65
CA LYS A 8 -3.37 -7.09 4.28
C LYS A 8 -3.04 -5.89 3.40
N TYR A 9 -2.60 -6.20 2.21
CA TYR A 9 -2.18 -5.24 1.17
C TYR A 9 -3.16 -4.10 0.94
N LYS A 10 -4.40 -4.42 0.85
CA LYS A 10 -5.45 -3.40 0.87
C LYS A 10 -5.30 -2.23 1.89
N LYS A 11 -4.82 -2.46 3.11
CA LYS A 11 -4.52 -1.34 4.04
C LYS A 11 -3.11 -0.79 3.75
N VAL A 12 -2.21 -1.75 3.57
CA VAL A 12 -0.81 -1.60 3.16
C VAL A 12 -0.70 -0.69 1.92
N GLU A 13 -1.75 -0.65 1.13
CA GLU A 13 -1.78 0.05 -0.13
C GLU A 13 -1.61 1.52 0.06
N ILE A 14 -2.48 2.13 0.83
CA ILE A 14 -2.39 3.56 0.98
C ILE A 14 -1.11 3.87 1.76
N LYS A 15 -0.78 2.97 2.67
CA LYS A 15 0.27 3.11 3.60
C LYS A 15 1.64 3.08 2.95
N GLU A 16 1.76 2.34 1.87
CA GLU A 16 3.03 2.23 1.18
C GLU A 16 3.09 2.86 -0.21
N LEU A 17 2.00 2.82 -0.96
CA LEU A 17 1.99 3.39 -2.30
C LEU A 17 2.04 4.92 -2.20
N GLY A 18 1.55 5.46 -1.08
CA GLY A 18 1.57 6.90 -0.88
C GLY A 18 2.06 7.45 0.45
N GLU A 19 1.89 6.75 1.56
CA GLU A 19 2.25 7.37 2.86
C GLU A 19 3.74 7.27 3.12
N LEU A 20 4.40 6.34 2.45
CA LEU A 20 5.83 6.07 2.67
C LEU A 20 6.72 7.32 2.48
N ARG A 21 6.31 8.24 1.63
CA ARG A 21 7.10 9.46 1.38
C ARG A 21 6.81 10.58 2.40
N LYS A 22 5.80 10.38 3.25
CA LYS A 22 5.41 11.42 4.21
C LYS A 22 6.28 11.45 5.45
N GLU A 23 7.44 12.07 5.32
CA GLU A 23 8.35 12.24 6.45
C GLU A 23 7.74 13.15 7.51
N PRO A 24 7.97 12.85 8.80
CA PRO A 24 7.54 13.78 9.85
C PRO A 24 8.53 14.94 9.96
N SER A 25 9.51 14.95 9.06
CA SER A 25 10.55 15.98 9.03
C SER A 25 9.99 17.35 8.64
N LEU A 26 9.62 18.15 9.63
CA LEU A 26 9.03 19.48 9.43
C LEU A 26 9.66 20.45 10.42
N THR A 1 -2.70 -14.01 -9.27
CA THR A 1 -1.26 -14.16 -9.57
C THR A 1 -0.42 -13.98 -8.29
N ASN A 2 0.34 -12.88 -8.16
CA ASN A 2 1.16 -12.64 -7.01
C ASN A 2 0.34 -12.66 -5.74
N ARG A 3 1.02 -13.16 -4.74
CA ARG A 3 0.55 -13.39 -3.44
C ARG A 3 -0.02 -12.22 -2.64
N ARG A 4 0.07 -10.98 -3.14
CA ARG A 4 -0.49 -9.85 -2.50
C ARG A 4 -2.02 -9.89 -2.43
N LYS A 5 -2.62 -10.89 -3.07
CA LYS A 5 -4.06 -11.15 -2.96
C LYS A 5 -4.45 -11.57 -1.53
N SER A 6 -3.46 -11.74 -0.67
CA SER A 6 -3.65 -12.05 0.75
C SER A 6 -4.62 -11.08 1.41
N GLY A 7 -4.60 -9.82 0.97
CA GLY A 7 -5.65 -8.89 1.37
C GLY A 7 -5.43 -7.86 2.46
N LYS A 8 -4.51 -8.11 3.38
CA LYS A 8 -4.15 -7.13 4.43
C LYS A 8 -3.63 -5.83 3.80
N TYR A 9 -3.34 -5.95 2.51
CA TYR A 9 -2.80 -4.93 1.64
C TYR A 9 -3.70 -3.72 1.50
N LYS A 10 -4.99 -3.86 1.79
CA LYS A 10 -5.88 -2.70 1.78
C LYS A 10 -5.35 -1.65 2.75
N LYS A 11 -4.89 -2.08 3.92
CA LYS A 11 -4.24 -1.18 4.86
C LYS A 11 -2.75 -1.00 4.58
N VAL A 12 -2.07 -2.08 4.24
CA VAL A 12 -0.61 -2.08 4.08
C VAL A 12 -0.07 -1.48 2.78
N GLU A 13 -0.47 -2.01 1.64
CA GLU A 13 0.15 -1.60 0.37
C GLU A 13 -0.22 -0.19 -0.03
N ILE A 14 -1.45 0.21 0.30
CA ILE A 14 -1.92 1.54 -0.02
C ILE A 14 -1.03 2.54 0.72
N LYS A 15 -0.58 2.15 1.90
CA LYS A 15 0.32 2.97 2.69
C LYS A 15 1.66 3.13 2.03
N GLU A 16 2.29 2.02 1.67
CA GLU A 16 3.64 2.08 1.13
C GLU A 16 3.65 2.84 -0.20
N LEU A 17 2.69 2.53 -1.05
CA LEU A 17 2.60 3.14 -2.37
C LEU A 17 2.23 4.62 -2.27
N GLY A 18 1.44 4.98 -1.26
CA GLY A 18 1.02 6.35 -1.09
C GLY A 18 2.18 7.26 -0.74
N GLU A 19 3.13 6.74 0.02
CA GLU A 19 4.32 7.50 0.40
C GLU A 19 5.35 7.52 -0.73
N LEU A 20 5.42 6.42 -1.47
CA LEU A 20 6.37 6.24 -2.58
C LEU A 20 6.04 7.05 -3.85
N ARG A 21 4.96 7.82 -3.83
CA ARG A 21 4.49 8.53 -5.03
C ARG A 21 5.51 9.45 -5.71
N LYS A 22 6.26 10.22 -4.94
CA LYS A 22 7.21 11.18 -5.53
C LYS A 22 8.44 11.41 -4.67
N GLU A 23 9.41 12.09 -5.25
CA GLU A 23 10.59 12.54 -4.52
C GLU A 23 10.17 13.61 -3.53
N PRO A 24 10.78 13.65 -2.33
CA PRO A 24 10.50 14.79 -1.47
C PRO A 24 11.29 16.02 -1.93
N SER A 25 12.07 15.84 -2.98
CA SER A 25 12.95 16.89 -3.51
C SER A 25 12.23 18.10 -4.15
N LEU A 26 11.02 17.88 -4.63
CA LEU A 26 10.23 18.92 -5.31
C LEU A 26 8.80 18.44 -5.25
N THR A 1 -1.59 -17.45 -8.66
CA THR A 1 -1.13 -16.14 -9.23
C THR A 1 -1.52 -15.01 -8.29
N ASN A 2 -1.42 -13.76 -8.76
CA ASN A 2 -1.83 -12.54 -8.00
C ASN A 2 -1.73 -12.58 -6.46
N ARG A 3 -0.55 -12.93 -5.93
CA ARG A 3 -0.35 -13.06 -4.48
C ARG A 3 -0.76 -11.83 -3.64
N ARG A 4 -0.80 -10.66 -4.26
CA ARG A 4 -1.20 -9.44 -3.62
C ARG A 4 -2.64 -9.46 -3.08
N LYS A 5 -3.47 -10.41 -3.52
CA LYS A 5 -4.85 -10.52 -3.02
C LYS A 5 -4.93 -11.08 -1.59
N SER A 6 -3.78 -11.32 -0.98
CA SER A 6 -3.68 -11.85 0.39
C SER A 6 -4.54 -11.10 1.41
N GLY A 7 -4.66 -9.79 1.23
CA GLY A 7 -5.63 -9.02 2.01
C GLY A 7 -5.18 -7.97 3.00
N LYS A 8 -3.97 -8.09 3.53
CA LYS A 8 -3.42 -7.06 4.46
C LYS A 8 -3.25 -5.73 3.73
N TYR A 9 -3.33 -5.84 2.41
CA TYR A 9 -2.99 -4.82 1.45
C TYR A 9 -3.81 -3.55 1.55
N LYS A 10 -5.01 -3.58 2.10
CA LYS A 10 -5.73 -2.34 2.38
C LYS A 10 -4.87 -1.44 3.25
N LYS A 11 -4.32 -2.00 4.32
CA LYS A 11 -3.48 -1.20 5.21
C LYS A 11 -2.03 -1.11 4.73
N VAL A 12 -1.53 -2.16 4.10
CA VAL A 12 -0.16 -2.16 3.59
C VAL A 12 0.07 -1.53 2.19
N GLU A 13 -0.54 -2.07 1.15
CA GLU A 13 -0.26 -1.62 -0.21
C GLU A 13 -0.99 -0.37 -0.67
N ILE A 14 -2.28 -0.31 -0.36
CA ILE A 14 -3.12 0.83 -0.76
C ILE A 14 -2.59 2.06 -0.03
N LYS A 15 -1.83 1.81 1.03
CA LYS A 15 -1.23 2.88 1.80
C LYS A 15 0.27 3.09 1.58
N GLU A 16 1.12 2.13 1.86
CA GLU A 16 2.55 2.43 1.88
C GLU A 16 3.24 2.66 0.54
N LEU A 17 2.49 2.50 -0.53
CA LEU A 17 2.92 2.88 -1.87
C LEU A 17 3.28 4.40 -1.88
N GLY A 18 2.75 5.11 -0.89
CA GLY A 18 3.05 6.54 -0.68
C GLY A 18 1.84 7.29 -0.13
N GLU A 19 0.78 6.52 -0.01
CA GLU A 19 -0.54 6.94 0.43
C GLU A 19 -0.73 7.05 1.94
N LEU A 20 0.14 6.42 2.73
CA LEU A 20 -0.14 6.02 4.12
C LEU A 20 -0.92 6.93 5.10
N ARG A 21 -0.81 8.25 5.08
CA ARG A 21 -1.67 9.03 6.00
C ARG A 21 -3.10 9.23 5.45
N LYS A 22 -3.30 8.91 4.17
CA LYS A 22 -4.60 8.98 3.51
C LYS A 22 -5.07 7.57 3.16
N GLU A 23 -6.31 7.43 2.71
CA GLU A 23 -6.81 6.16 2.15
C GLU A 23 -7.92 6.55 1.16
N PRO A 24 -7.56 6.76 -0.12
CA PRO A 24 -8.59 7.17 -1.09
C PRO A 24 -9.49 6.01 -1.50
N SER A 25 -9.17 4.83 -1.02
CA SER A 25 -9.92 3.61 -1.33
C SER A 25 -10.18 2.90 -0.02
N LEU A 26 -10.77 3.64 0.91
CA LEU A 26 -11.10 3.14 2.25
C LEU A 26 -12.13 2.01 2.14
N THR A 1 1.52 -18.49 -7.51
CA THR A 1 0.53 -17.40 -7.76
C THR A 1 1.00 -16.10 -7.07
N ASN A 2 0.33 -14.97 -7.26
CA ASN A 2 0.73 -13.67 -6.75
C ASN A 2 0.18 -13.63 -5.37
N ARG A 3 1.01 -13.96 -4.46
CA ARG A 3 0.74 -14.08 -3.02
C ARG A 3 0.30 -12.75 -2.43
N ARG A 4 0.58 -11.66 -3.13
CA ARG A 4 0.20 -10.37 -2.69
C ARG A 4 -1.31 -10.15 -2.68
N LYS A 5 -2.08 -11.07 -3.26
CA LYS A 5 -3.55 -11.01 -3.19
C LYS A 5 -4.09 -11.36 -1.79
N SER A 6 -3.17 -11.62 -0.86
CA SER A 6 -3.50 -11.96 0.54
C SER A 6 -4.50 -11.01 1.18
N GLY A 7 -4.46 -9.74 0.81
CA GLY A 7 -5.51 -8.83 1.23
C GLY A 7 -5.24 -7.80 2.29
N LYS A 8 -4.23 -8.04 3.14
CA LYS A 8 -3.85 -7.06 4.18
C LYS A 8 -3.47 -5.72 3.55
N TYR A 9 -3.17 -5.82 2.27
CA TYR A 9 -2.67 -4.76 1.41
C TYR A 9 -3.53 -3.52 1.39
N LYS A 10 -4.85 -3.63 1.59
CA LYS A 10 -5.67 -2.44 1.71
C LYS A 10 -5.24 -1.53 2.87
N LYS A 11 -4.82 -2.11 3.99
CA LYS A 11 -4.25 -1.32 5.09
C LYS A 11 -2.76 -1.03 4.89
N VAL A 12 -2.08 -1.97 4.25
CA VAL A 12 -0.61 -1.92 4.10
C VAL A 12 -0.08 -1.08 2.92
N GLU A 13 -0.43 -1.41 1.69
CA GLU A 13 0.18 -0.70 0.54
C GLU A 13 -0.53 0.56 0.16
N ILE A 14 -1.74 0.67 0.60
CA ILE A 14 -2.44 1.94 0.45
C ILE A 14 -1.64 2.96 1.31
N LYS A 15 -0.77 2.45 2.17
CA LYS A 15 0.15 3.30 2.93
C LYS A 15 1.59 3.25 2.42
N GLU A 16 2.02 2.16 1.78
CA GLU A 16 3.39 2.06 1.25
C GLU A 16 3.50 2.31 -0.25
N LEU A 17 2.62 1.69 -1.04
CA LEU A 17 2.57 1.94 -2.46
C LEU A 17 2.14 3.41 -2.55
N GLY A 18 1.42 3.84 -1.52
CA GLY A 18 1.04 5.23 -1.34
C GLY A 18 2.00 6.08 -0.51
N GLU A 19 3.16 5.57 -0.07
CA GLU A 19 4.12 6.43 0.66
C GLU A 19 4.86 7.21 -0.40
N LEU A 20 4.92 6.57 -1.57
CA LEU A 20 5.47 7.13 -2.84
C LEU A 20 4.97 8.53 -3.31
N ARG A 21 4.08 9.14 -2.53
CA ARG A 21 3.35 10.42 -2.78
C ARG A 21 3.94 11.67 -3.48
N LYS A 22 5.12 11.61 -4.07
CA LYS A 22 5.70 12.79 -4.76
C LYS A 22 4.76 13.29 -5.85
N GLU A 23 4.20 14.47 -5.64
CA GLU A 23 3.28 15.09 -6.57
C GLU A 23 3.98 15.42 -7.89
N PRO A 24 3.38 15.05 -9.04
CA PRO A 24 3.99 15.43 -10.31
C PRO A 24 3.71 16.89 -10.63
N SER A 25 2.94 17.54 -9.77
CA SER A 25 2.56 18.94 -9.95
C SER A 25 3.02 19.74 -8.74
N LEU A 26 3.89 20.72 -8.98
CA LEU A 26 4.46 21.56 -7.93
C LEU A 26 4.47 23.00 -8.44
N THR A 1 0.81 -17.05 -9.53
CA THR A 1 1.29 -16.56 -8.21
C THR A 1 0.18 -15.81 -7.48
N ASN A 2 0.31 -15.59 -6.17
CA ASN A 2 -0.78 -14.97 -5.39
C ASN A 2 -0.26 -14.10 -4.22
N ARG A 3 0.98 -13.64 -4.27
CA ARG A 3 1.58 -12.97 -3.10
C ARG A 3 0.81 -11.77 -2.55
N ARG A 4 0.67 -10.70 -3.32
CA ARG A 4 0.00 -9.52 -2.87
C ARG A 4 -1.51 -9.66 -2.66
N LYS A 5 -2.07 -10.77 -3.11
CA LYS A 5 -3.49 -11.05 -2.94
C LYS A 5 -3.77 -11.65 -1.56
N SER A 6 -2.75 -11.68 -0.71
CA SER A 6 -2.87 -12.16 0.68
C SER A 6 -3.94 -11.40 1.46
N GLY A 7 -4.12 -10.11 1.13
CA GLY A 7 -5.26 -9.37 1.67
C GLY A 7 -5.09 -8.27 2.70
N LYS A 8 -4.02 -8.28 3.50
CA LYS A 8 -3.79 -7.21 4.47
C LYS A 8 -3.61 -5.86 3.76
N TYR A 9 -3.35 -5.99 2.48
CA TYR A 9 -3.05 -4.92 1.54
C TYR A 9 -4.08 -3.81 1.48
N LYS A 10 -5.32 -4.09 1.87
CA LYS A 10 -6.32 -3.04 1.92
C LYS A 10 -5.85 -1.87 2.77
N LYS A 11 -5.29 -2.14 3.94
CA LYS A 11 -4.66 -1.10 4.76
C LYS A 11 -3.21 -0.85 4.35
N VAL A 12 -2.47 -1.93 4.17
CA VAL A 12 -1.02 -1.88 3.97
C VAL A 12 -0.55 -1.27 2.65
N GLU A 13 -0.97 -1.83 1.52
CA GLU A 13 -0.44 -1.39 0.23
C GLU A 13 -0.86 0.02 -0.13
N ILE A 14 -2.07 0.40 0.26
CA ILE A 14 -2.58 1.74 -0.02
C ILE A 14 -1.70 2.75 0.71
N LYS A 15 -1.19 2.35 1.87
CA LYS A 15 -0.28 3.20 2.64
C LYS A 15 1.07 3.24 1.96
N GLU A 16 1.66 2.07 1.77
CA GLU A 16 3.02 1.96 1.23
C GLU A 16 3.22 2.62 -0.13
N LEU A 17 2.19 2.57 -0.96
CA LEU A 17 2.26 3.15 -2.30
C LEU A 17 2.48 4.66 -2.28
N GLY A 18 2.01 5.34 -1.25
CA GLY A 18 2.11 6.80 -1.19
C GLY A 18 2.79 7.43 0.01
N GLU A 19 2.77 6.80 1.17
CA GLU A 19 3.32 7.42 2.39
C GLU A 19 4.84 7.28 2.50
N LEU A 20 5.41 6.32 1.80
CA LEU A 20 6.85 6.02 1.85
C LEU A 20 7.81 7.18 1.54
N ARG A 21 7.26 8.30 1.06
CA ARG A 21 8.03 9.51 0.75
C ARG A 21 8.15 10.41 1.98
N LYS A 22 7.72 9.93 3.13
CA LYS A 22 7.75 10.68 4.39
C LYS A 22 8.57 9.94 5.42
N GLU A 23 9.06 10.67 6.41
CA GLU A 23 9.73 10.06 7.55
C GLU A 23 8.64 9.50 8.47
N PRO A 24 8.64 8.16 8.70
CA PRO A 24 7.63 7.62 9.61
C PRO A 24 8.07 7.71 11.07
N SER A 25 9.22 8.32 11.29
CA SER A 25 9.81 8.40 12.63
C SER A 25 10.05 9.85 12.96
N LEU A 26 9.72 10.21 14.19
CA LEU A 26 9.86 11.57 14.72
C LEU A 26 10.40 11.44 16.14
N THR A 1 0.84 -16.68 -10.29
CA THR A 1 -0.07 -16.28 -9.18
C THR A 1 0.43 -15.02 -8.51
N ASN A 2 -0.38 -14.39 -7.67
CA ASN A 2 0.00 -13.14 -7.00
C ASN A 2 0.02 -13.29 -5.47
N ARG A 3 1.20 -13.24 -4.87
CA ARG A 3 1.33 -13.40 -3.40
C ARG A 3 0.56 -12.36 -2.60
N ARG A 4 0.31 -11.19 -3.18
CA ARG A 4 -0.40 -10.13 -2.53
C ARG A 4 -1.89 -10.42 -2.27
N LYS A 5 -2.39 -11.57 -2.73
CA LYS A 5 -3.78 -11.97 -2.47
C LYS A 5 -4.08 -12.22 -0.98
N SER A 6 -3.05 -12.14 -0.14
CA SER A 6 -3.20 -12.27 1.31
C SER A 6 -4.23 -11.26 1.85
N GLY A 7 -4.32 -10.10 1.21
CA GLY A 7 -5.42 -9.20 1.51
C GLY A 7 -5.27 -8.13 2.58
N LYS A 8 -4.24 -8.26 3.42
CA LYS A 8 -3.91 -7.24 4.43
C LYS A 8 -3.62 -5.88 3.76
N TYR A 9 -3.45 -5.98 2.45
CA TYR A 9 -3.10 -4.92 1.54
C TYR A 9 -4.06 -3.75 1.48
N LYS A 10 -5.31 -3.93 1.87
CA LYS A 10 -6.26 -2.83 1.90
C LYS A 10 -5.65 -1.59 2.54
N LYS A 11 -5.11 -1.73 3.74
CA LYS A 11 -4.34 -0.63 4.35
C LYS A 11 -2.88 -0.62 3.91
N VAL A 12 -2.24 -1.80 3.90
CA VAL A 12 -0.80 -1.91 3.69
C VAL A 12 -0.28 -1.41 2.34
N GLU A 13 -0.87 -1.88 1.24
CA GLU A 13 -0.37 -1.52 -0.08
C GLU A 13 -0.55 -0.05 -0.35
N ILE A 14 -1.67 0.49 0.11
CA ILE A 14 -1.95 1.92 -0.05
C ILE A 14 -0.90 2.67 0.76
N LYS A 15 -0.54 2.13 1.92
CA LYS A 15 0.46 2.77 2.76
C LYS A 15 1.84 2.73 2.14
N GLU A 16 2.17 1.67 1.42
CA GLU A 16 3.49 1.56 0.78
C GLU A 16 3.52 2.48 -0.43
N LEU A 17 2.46 2.48 -1.21
CA LEU A 17 2.35 3.36 -2.37
C LEU A 17 2.43 4.82 -1.89
N GLY A 18 1.84 5.07 -0.72
CA GLY A 18 1.87 6.40 -0.12
C GLY A 18 3.12 6.67 0.71
N GLU A 19 3.97 5.68 0.94
CA GLU A 19 5.20 5.90 1.72
C GLU A 19 6.12 6.69 0.83
N LEU A 20 6.13 6.34 -0.45
CA LEU A 20 6.93 7.09 -1.42
C LEU A 20 6.49 8.56 -1.45
N ARG A 21 5.20 8.77 -1.26
CA ARG A 21 4.61 10.12 -1.30
C ARG A 21 4.69 10.86 0.05
N LYS A 22 5.23 10.21 1.08
CA LYS A 22 5.35 10.74 2.45
C LYS A 22 4.26 11.71 2.90
N GLU A 23 3.01 11.28 2.80
CA GLU A 23 1.89 12.13 3.18
C GLU A 23 1.73 12.24 4.69
N PRO A 24 1.75 13.49 5.23
CA PRO A 24 1.52 13.66 6.67
C PRO A 24 0.03 13.62 7.02
N SER A 25 -0.78 13.24 6.04
CA SER A 25 -2.24 13.16 6.19
C SER A 25 -2.70 11.86 6.86
N LEU A 26 -1.75 11.05 7.30
CA LEU A 26 -2.03 9.76 7.93
C LEU A 26 -2.53 9.91 9.36
N THR A 1 0.93 -17.73 -9.10
CA THR A 1 -0.22 -17.13 -8.39
C THR A 1 0.21 -15.84 -7.70
N ASN A 2 -0.65 -14.84 -7.72
CA ASN A 2 -0.32 -13.55 -7.10
C ASN A 2 -0.52 -13.68 -5.58
N ARG A 3 0.57 -13.80 -4.84
CA ARG A 3 0.61 -13.99 -3.46
C ARG A 3 0.10 -12.82 -2.67
N ARG A 4 -0.12 -11.67 -3.30
CA ARG A 4 -0.67 -10.53 -2.66
C ARG A 4 -2.15 -10.69 -2.28
N LYS A 5 -2.73 -11.83 -2.65
CA LYS A 5 -4.13 -12.14 -2.29
C LYS A 5 -4.31 -12.40 -0.79
N SER A 6 -3.25 -12.20 0.00
CA SER A 6 -3.32 -12.31 1.46
C SER A 6 -4.32 -11.28 1.98
N GLY A 7 -4.43 -10.15 1.30
CA GLY A 7 -5.50 -9.22 1.59
C GLY A 7 -5.28 -8.11 2.60
N LYS A 8 -4.22 -8.23 3.41
CA LYS A 8 -3.81 -7.17 4.37
C LYS A 8 -3.55 -5.86 3.62
N TYR A 9 -3.40 -6.01 2.32
CA TYR A 9 -3.09 -4.97 1.34
C TYR A 9 -4.01 -3.77 1.32
N LYS A 10 -5.27 -3.91 1.72
CA LYS A 10 -6.17 -2.77 1.75
C LYS A 10 -5.58 -1.57 2.48
N LYS A 11 -5.08 -1.79 3.69
CA LYS A 11 -4.34 -0.73 4.39
C LYS A 11 -2.87 -0.68 4.00
N VAL A 12 -2.24 -1.85 3.88
CA VAL A 12 -0.79 -1.94 3.68
C VAL A 12 -0.27 -1.40 2.37
N GLU A 13 -0.82 -1.85 1.25
CA GLU A 13 -0.29 -1.48 -0.05
C GLU A 13 -0.53 -0.01 -0.34
N ILE A 14 -1.65 0.49 0.14
CA ILE A 14 -1.98 1.91 -0.02
C ILE A 14 -0.95 2.70 0.79
N LYS A 15 -0.48 2.14 1.90
CA LYS A 15 0.54 2.81 2.71
C LYS A 15 1.88 2.77 2.01
N GLU A 16 2.25 1.62 1.50
CA GLU A 16 3.54 1.46 0.81
C GLU A 16 3.60 2.41 -0.39
N LEU A 17 2.50 2.50 -1.12
CA LEU A 17 2.40 3.40 -2.26
C LEU A 17 2.35 4.88 -1.81
N GLY A 18 1.73 5.13 -0.67
CA GLY A 18 1.66 6.49 -0.14
C GLY A 18 3.01 6.98 0.37
N GLU A 19 3.79 6.08 0.94
CA GLU A 19 5.13 6.42 1.43
C GLU A 19 6.04 6.73 0.24
N LEU A 20 5.79 6.07 -0.88
CA LEU A 20 6.53 6.32 -2.11
C LEU A 20 6.31 7.75 -2.63
N ARG A 21 5.21 8.38 -2.20
CA ARG A 21 4.89 9.76 -2.59
C ARG A 21 5.75 10.79 -1.83
N LYS A 22 6.59 10.31 -0.91
CA LYS A 22 7.46 11.11 -0.02
C LYS A 22 7.35 12.64 0.07
N GLU A 23 6.19 13.19 0.38
CA GLU A 23 6.04 14.64 0.44
C GLU A 23 5.36 15.12 1.71
N PRO A 24 5.98 16.07 2.43
CA PRO A 24 5.32 16.66 3.60
C PRO A 24 4.34 17.76 3.19
N SER A 25 4.16 17.93 1.89
CA SER A 25 3.30 18.92 1.34
C SER A 25 1.98 18.23 1.08
N LEU A 26 1.00 19.03 0.74
CA LEU A 26 -0.36 18.55 0.48
C LEU A 26 -0.37 17.84 -0.87
N THR A 1 6.23 -11.99 13.50
CA THR A 1 5.02 -12.05 12.64
C THR A 1 4.56 -10.64 12.28
N ASN A 2 3.55 -10.50 11.42
CA ASN A 2 3.05 -9.18 11.02
C ASN A 2 1.58 -9.40 10.66
N ARG A 3 0.80 -8.33 10.52
CA ARG A 3 -0.65 -8.45 10.30
C ARG A 3 -1.13 -8.67 8.85
N ARG A 4 -0.39 -8.22 7.84
CA ARG A 4 -0.74 -8.38 6.47
C ARG A 4 -0.73 -9.94 6.07
N LYS A 5 -1.93 -10.54 5.79
CA LYS A 5 -2.07 -12.02 5.41
C LYS A 5 -2.09 -12.33 3.87
N SER A 6 -3.18 -12.10 3.12
CA SER A 6 -3.14 -11.95 1.65
C SER A 6 -4.27 -11.03 1.47
N GLY A 7 -4.19 -10.18 0.44
CA GLY A 7 -5.13 -9.08 0.36
C GLY A 7 -4.91 -8.37 1.69
N LYS A 8 -3.64 -8.51 2.06
CA LYS A 8 -2.99 -8.05 3.28
C LYS A 8 -3.19 -6.58 3.34
N TYR A 9 -3.37 -6.15 2.14
CA TYR A 9 -3.22 -4.86 1.69
C TYR A 9 -4.18 -3.72 1.85
N LYS A 10 -5.46 -4.00 2.09
CA LYS A 10 -6.42 -2.91 2.26
C LYS A 10 -5.91 -1.88 3.29
N LYS A 11 -5.28 -2.36 4.36
CA LYS A 11 -4.54 -1.46 5.27
C LYS A 11 -3.10 -1.12 4.84
N VAL A 12 -2.37 -2.09 4.30
CA VAL A 12 -0.96 -1.89 3.91
C VAL A 12 -0.71 -0.88 2.79
N GLU A 13 -1.28 -1.17 1.63
CA GLU A 13 -0.83 -0.59 0.39
C GLU A 13 -1.22 0.81 0.15
N ILE A 14 -2.35 1.21 0.68
CA ILE A 14 -2.83 2.55 0.46
C ILE A 14 -1.81 3.52 1.05
N LYS A 15 -1.05 3.05 2.03
CA LYS A 15 -0.01 3.87 2.65
C LYS A 15 1.40 3.48 2.22
N GLU A 16 1.69 2.19 2.21
CA GLU A 16 3.06 1.74 1.97
C GLU A 16 3.48 1.61 0.53
N LEU A 17 2.58 1.85 -0.41
CA LEU A 17 2.95 1.88 -1.82
C LEU A 17 3.97 2.99 -2.01
N GLY A 18 3.92 3.99 -1.14
CA GLY A 18 4.92 5.04 -1.15
C GLY A 18 4.64 6.28 -0.32
N GLU A 19 3.52 6.34 0.38
CA GLU A 19 3.19 7.54 1.14
C GLU A 19 3.91 7.57 2.49
N LEU A 20 4.04 6.40 3.12
CA LEU A 20 4.57 6.28 4.47
C LEU A 20 6.05 6.66 4.66
N ARG A 21 6.72 7.04 3.59
CA ARG A 21 8.11 7.51 3.68
C ARG A 21 8.16 8.93 4.28
N LYS A 22 6.99 9.56 4.42
CA LYS A 22 6.86 10.86 5.06
C LYS A 22 5.78 10.83 6.12
N GLU A 23 6.00 11.59 7.17
CA GLU A 23 5.02 11.79 8.22
C GLU A 23 4.47 13.20 8.02
N PRO A 24 3.13 13.34 7.98
CA PRO A 24 2.58 14.69 7.85
C PRO A 24 2.60 15.42 9.20
N SER A 25 3.19 14.76 10.20
CA SER A 25 3.26 15.30 11.56
C SER A 25 4.72 15.44 11.98
N LEU A 26 5.54 15.98 11.08
CA LEU A 26 6.96 16.16 11.31
C LEU A 26 7.41 17.47 10.65
N THR A 1 3.27 -19.19 0.89
CA THR A 1 3.38 -18.42 -0.39
C THR A 1 3.29 -16.92 -0.14
N ASN A 2 4.18 -16.15 -0.76
CA ASN A 2 4.27 -14.71 -0.51
C ASN A 2 3.49 -13.90 -1.54
N ARG A 3 2.25 -14.30 -1.76
CA ARG A 3 1.35 -13.64 -2.73
C ARG A 3 0.78 -12.32 -2.20
N ARG A 4 1.68 -11.41 -1.84
CA ARG A 4 1.43 -10.13 -1.25
C ARG A 4 0.56 -9.07 -1.95
N LYS A 5 -0.44 -9.47 -2.72
CA LYS A 5 -1.36 -8.49 -3.32
C LYS A 5 -2.66 -8.39 -2.52
N SER A 6 -2.94 -9.38 -1.68
CA SER A 6 -4.23 -9.44 -1.01
C SER A 6 -4.36 -9.45 0.50
N GLY A 7 -5.56 -9.03 0.88
CA GLY A 7 -6.08 -9.00 2.24
C GLY A 7 -5.39 -8.25 3.35
N LYS A 8 -4.09 -8.07 3.25
CA LYS A 8 -3.38 -7.15 4.13
C LYS A 8 -3.32 -5.80 3.47
N TYR A 9 -2.96 -5.88 2.20
CA TYR A 9 -2.42 -4.78 1.40
C TYR A 9 -3.30 -3.58 1.17
N LYS A 10 -4.62 -3.75 1.12
CA LYS A 10 -5.48 -2.57 1.14
C LYS A 10 -5.24 -1.70 2.38
N LYS A 11 -4.88 -2.29 3.51
CA LYS A 11 -4.44 -1.52 4.69
C LYS A 11 -2.95 -1.15 4.65
N VAL A 12 -2.15 -2.05 4.09
CA VAL A 12 -0.67 -1.94 4.11
C VAL A 12 -0.05 -1.09 2.99
N GLU A 13 -0.29 -1.40 1.72
CA GLU A 13 0.39 -0.68 0.64
C GLU A 13 -0.31 0.55 0.20
N ILE A 14 -1.56 0.65 0.58
CA ILE A 14 -2.26 1.92 0.39
C ILE A 14 -1.52 2.96 1.26
N LYS A 15 -0.62 2.51 2.12
CA LYS A 15 0.30 3.40 2.83
C LYS A 15 1.71 3.32 2.23
N GLU A 16 2.23 2.14 1.94
CA GLU A 16 3.58 2.03 1.32
C GLU A 16 3.61 2.56 -0.11
N LEU A 17 2.81 1.94 -0.98
CA LEU A 17 2.68 2.35 -2.36
C LEU A 17 2.06 3.76 -2.34
N GLY A 18 1.21 4.00 -1.36
CA GLY A 18 0.58 5.30 -1.17
C GLY A 18 1.55 6.43 -0.86
N GLU A 19 2.55 6.21 -0.02
CA GLU A 19 3.54 7.26 0.26
C GLU A 19 4.38 7.48 -0.98
N LEU A 20 4.57 6.44 -1.79
CA LEU A 20 5.26 6.61 -3.07
C LEU A 20 4.40 7.42 -4.08
N ARG A 21 3.08 7.42 -3.87
CA ARG A 21 2.13 8.09 -4.79
C ARG A 21 1.38 9.32 -4.25
N LYS A 22 1.75 9.80 -3.07
CA LYS A 22 1.03 10.89 -2.35
C LYS A 22 0.04 11.77 -3.12
N GLU A 23 -1.22 11.38 -3.11
CA GLU A 23 -2.29 12.15 -3.72
C GLU A 23 -2.56 13.39 -2.87
N PRO A 24 -2.80 14.55 -3.52
CA PRO A 24 -3.24 15.69 -2.70
C PRO A 24 -4.71 15.54 -2.31
N SER A 25 -5.33 14.50 -2.83
CA SER A 25 -6.73 14.18 -2.57
C SER A 25 -6.85 13.48 -1.21
N LEU A 26 -7.25 14.24 -0.20
CA LEU A 26 -7.39 13.73 1.17
C LEU A 26 -8.81 13.97 1.65
N THR A 1 -11.50 -7.14 -7.18
CA THR A 1 -10.57 -6.07 -7.67
C THR A 1 -9.17 -6.17 -7.01
N ASN A 2 -9.04 -6.83 -5.86
CA ASN A 2 -7.80 -6.98 -5.12
C ASN A 2 -7.03 -8.05 -5.78
N ARG A 3 -6.16 -7.69 -6.64
CA ARG A 3 -5.23 -8.54 -7.37
C ARG A 3 -4.33 -9.18 -6.31
N ARG A 4 -4.16 -8.48 -5.20
CA ARG A 4 -3.39 -8.99 -4.07
C ARG A 4 -4.28 -9.92 -3.25
N LYS A 5 -4.25 -11.22 -3.55
CA LYS A 5 -5.08 -12.21 -2.84
C LYS A 5 -4.70 -12.35 -1.37
N SER A 6 -3.52 -11.88 -1.02
CA SER A 6 -3.01 -11.92 0.36
C SER A 6 -3.81 -11.01 1.31
N GLY A 7 -4.44 -9.99 0.75
CA GLY A 7 -5.47 -9.23 1.46
C GLY A 7 -5.19 -8.17 2.51
N LYS A 8 -4.05 -8.21 3.20
CA LYS A 8 -3.72 -7.19 4.23
C LYS A 8 -3.59 -5.78 3.62
N TYR A 9 -3.48 -5.80 2.30
CA TYR A 9 -3.13 -4.69 1.45
C TYR A 9 -4.07 -3.50 1.49
N LYS A 10 -5.32 -3.68 1.87
CA LYS A 10 -6.20 -2.55 2.08
C LYS A 10 -5.60 -1.51 3.02
N LYS A 11 -5.03 -1.95 4.14
CA LYS A 11 -4.35 -1.03 5.04
C LYS A 11 -2.89 -0.81 4.62
N VAL A 12 -2.20 -1.90 4.33
CA VAL A 12 -0.75 -1.85 4.07
C VAL A 12 -0.34 -1.18 2.76
N GLU A 13 -0.82 -1.70 1.64
CA GLU A 13 -0.34 -1.26 0.34
C GLU A 13 -0.62 0.19 0.08
N ILE A 14 -1.78 0.65 0.52
CA ILE A 14 -2.18 2.04 0.30
C ILE A 14 -1.20 2.94 1.04
N LYS A 15 -0.71 2.48 2.19
CA LYS A 15 0.24 3.26 2.99
C LYS A 15 1.69 3.07 2.57
N GLU A 16 1.97 2.12 1.69
CA GLU A 16 3.33 1.96 1.17
C GLU A 16 3.45 2.30 -0.32
N LEU A 17 2.99 1.39 -1.16
CA LEU A 17 3.05 1.56 -2.59
C LEU A 17 2.15 2.72 -2.98
N GLY A 18 1.06 2.88 -2.27
CA GLY A 18 0.14 3.97 -2.55
C GLY A 18 0.74 5.32 -2.25
N GLU A 19 1.63 5.44 -1.27
CA GLU A 19 2.21 6.74 -0.98
C GLU A 19 3.34 7.07 -1.95
N LEU A 20 4.20 6.08 -2.21
CA LEU A 20 5.38 6.31 -3.05
C LEU A 20 5.14 6.18 -4.56
N ARG A 21 4.22 5.31 -4.94
CA ARG A 21 3.92 5.03 -6.35
C ARG A 21 2.55 5.48 -6.82
N LYS A 22 1.86 6.22 -5.96
CA LYS A 22 0.50 6.78 -6.21
C LYS A 22 0.01 6.86 -7.65
N GLU A 23 0.78 7.52 -8.51
CA GLU A 23 0.44 7.64 -9.93
C GLU A 23 1.53 6.92 -10.71
N PRO A 24 1.14 6.05 -11.66
CA PRO A 24 2.17 5.39 -12.47
C PRO A 24 2.72 6.34 -13.52
N SER A 25 2.24 7.58 -13.48
CA SER A 25 2.64 8.63 -14.40
C SER A 25 3.12 9.85 -13.61
N LEU A 26 3.68 9.59 -12.44
CA LEU A 26 4.19 10.65 -11.57
C LEU A 26 5.54 11.16 -12.08
N THR A 1 -7.57 -6.56 -11.52
CA THR A 1 -7.18 -7.84 -10.86
C THR A 1 -6.28 -7.56 -9.67
N ASN A 2 -6.04 -8.55 -8.82
CA ASN A 2 -5.22 -8.37 -7.62
C ASN A 2 -3.95 -9.21 -7.74
N ARG A 3 -2.81 -8.55 -7.88
CA ARG A 3 -1.56 -9.16 -7.98
C ARG A 3 -1.08 -9.76 -6.67
N ARG A 4 -1.62 -9.29 -5.56
CA ARG A 4 -1.25 -9.73 -4.25
C ARG A 4 -2.34 -10.68 -3.75
N LYS A 5 -1.95 -11.86 -3.29
CA LYS A 5 -2.93 -12.89 -2.90
C LYS A 5 -3.46 -12.86 -1.45
N SER A 6 -2.75 -12.22 -0.54
CA SER A 6 -3.12 -12.28 0.89
C SER A 6 -4.30 -11.41 1.36
N GLY A 7 -4.47 -10.23 0.78
CA GLY A 7 -5.62 -9.40 1.11
C GLY A 7 -5.48 -8.34 2.21
N LYS A 8 -4.55 -8.55 3.15
CA LYS A 8 -4.19 -7.59 4.23
C LYS A 8 -3.84 -6.19 3.71
N TYR A 9 -3.62 -6.14 2.41
CA TYR A 9 -3.16 -5.01 1.65
C TYR A 9 -3.94 -3.72 1.78
N LYS A 10 -5.22 -3.78 2.14
CA LYS A 10 -5.98 -2.55 2.35
C LYS A 10 -5.28 -1.43 3.14
N LYS A 11 -4.72 -1.71 4.31
CA LYS A 11 -4.01 -0.68 5.05
C LYS A 11 -2.55 -0.60 4.54
N VAL A 12 -2.01 -1.75 4.19
CA VAL A 12 -0.59 -1.88 3.84
C VAL A 12 -0.20 -1.22 2.51
N GLU A 13 -0.80 -1.69 1.43
CA GLU A 13 -0.40 -1.34 0.07
C GLU A 13 -0.67 0.11 -0.24
N ILE A 14 -1.81 0.60 0.23
CA ILE A 14 -2.23 1.96 -0.05
C ILE A 14 -1.25 2.94 0.58
N LYS A 15 -0.69 2.59 1.73
CA LYS A 15 0.24 3.50 2.41
C LYS A 15 1.69 3.26 2.04
N GLU A 16 2.07 2.03 1.76
CA GLU A 16 3.45 1.76 1.33
C GLU A 16 3.69 2.42 -0.02
N LEU A 17 2.77 2.23 -0.97
CA LEU A 17 2.89 2.86 -2.28
C LEU A 17 2.69 4.36 -2.13
N GLY A 18 1.82 4.74 -1.21
CA GLY A 18 1.54 6.14 -0.99
C GLY A 18 2.74 6.92 -0.49
N GLU A 19 3.41 6.44 0.55
CA GLU A 19 4.54 7.16 1.12
C GLU A 19 5.77 7.08 0.21
N LEU A 20 5.87 6.03 -0.60
CA LEU A 20 7.02 5.86 -1.50
C LEU A 20 7.24 7.09 -2.38
N ARG A 21 6.14 7.68 -2.84
CA ARG A 21 6.19 8.90 -3.65
C ARG A 21 5.59 10.09 -2.88
N LYS A 22 5.34 9.83 -1.60
CA LYS A 22 4.75 10.76 -0.64
C LYS A 22 3.36 11.35 -0.95
N GLU A 23 2.39 10.93 -0.15
CA GLU A 23 1.03 11.45 -0.24
C GLU A 23 0.98 12.87 0.32
N PRO A 24 0.25 13.77 -0.35
CA PRO A 24 0.07 15.09 0.25
C PRO A 24 -1.02 15.03 1.33
N SER A 25 -1.51 13.84 1.62
CA SER A 25 -2.57 13.63 2.58
C SER A 25 -2.21 12.47 3.50
N LEU A 26 -3.07 12.25 4.47
CA LEU A 26 -2.95 11.15 5.42
C LEU A 26 -3.26 9.83 4.73
#